data_7Y8N
#
_entry.id   7Y8N
#
_cell.length_a   66.531
_cell.length_b   80.988
_cell.length_c   93.028
_cell.angle_alpha   90.000
_cell.angle_beta   90.000
_cell.angle_gamma   90.000
#
_symmetry.space_group_name_H-M   'P 21 21 21'
#
loop_
_entity.id
_entity.type
_entity.pdbx_description
1 polymer 'Beta-hydroxyacid dehydrogenase, 3-hydroxyisobutyrate dehydrogenase'
2 non-polymer 'NADPH DIHYDRO-NICOTINAMIDE-ADENINE-DINUCLEOTIDE PHOSPHATE'
3 non-polymer 5-[2,5-bis(fluoranyl)phenyl]-3,4-dihydro-2~{H}-pyrrole
4 water water
#
_entity_poly.entity_id   1
_entity_poly.type   'polypeptide(L)'
_entity_poly.pdbx_seq_one_letter_code
;MSRPAPLTLIGLGPMGQAMGNALLDRGHGLTVWNRTASRADALVARGAVRAPTVAAAVAANELVVLSLTDYDAMYALLGP
AADALAGKVVVNLSSDTPEKTRAGARWIAEHGGTLIAGGVTCPPSGIGSPESSAFYSGPSAAFERHRETLRTLTRTDYRG
EDPGLAALWYQIGMVMWWNAMLGYLQAVALADANGLKAADILPHASDTVAGLPFFLRFYADRIDTGHHGGDADRLAMGTA
SVEHILHTMADSGVDTALPEAVVALFRRGEAAGYAENSFSSMVELLKKPS
;
_entity_poly.pdbx_strand_id   A,B
#
# COMPACT_ATOMS: atom_id res chain seq x y z
N PRO A 4 34.53 10.02 -17.24
CA PRO A 4 34.04 9.37 -16.02
C PRO A 4 35.16 8.91 -15.08
N ALA A 5 34.98 9.18 -13.79
CA ALA A 5 36.01 8.90 -12.79
C ALA A 5 36.03 7.41 -12.44
N PRO A 6 37.19 6.90 -12.04
CA PRO A 6 37.25 5.52 -11.53
C PRO A 6 36.76 5.44 -10.09
N LEU A 7 36.35 4.23 -9.71
CA LEU A 7 35.79 4.04 -8.38
C LEU A 7 35.77 2.55 -8.07
N THR A 8 35.61 2.24 -6.77
CA THR A 8 35.51 0.88 -6.27
C THR A 8 34.07 0.62 -5.84
N LEU A 9 33.55 -0.57 -6.17
CA LEU A 9 32.22 -1.00 -5.76
C LEU A 9 32.35 -2.31 -5.01
N ILE A 10 31.90 -2.32 -3.75
CA ILE A 10 31.96 -3.50 -2.90
C ILE A 10 30.53 -3.90 -2.53
N GLY A 11 30.20 -5.17 -2.74
CA GLY A 11 28.86 -5.65 -2.49
C GLY A 11 28.08 -5.85 -3.78
N LEU A 12 28.01 -7.08 -4.26
CA LEU A 12 27.41 -7.33 -5.57
C LEU A 12 26.16 -8.18 -5.48
N GLY A 13 25.25 -7.81 -4.58
CA GLY A 13 23.92 -8.35 -4.61
C GLY A 13 23.13 -7.76 -5.76
N PRO A 14 21.81 -7.95 -5.76
CA PRO A 14 20.99 -7.45 -6.88
C PRO A 14 21.21 -5.98 -7.20
N MET A 15 21.37 -5.11 -6.19
CA MET A 15 21.60 -3.70 -6.47
C MET A 15 23.05 -3.41 -6.87
N GLY A 16 24.01 -4.09 -6.24
CA GLY A 16 25.40 -3.88 -6.61
C GLY A 16 25.70 -4.31 -8.04
N GLN A 17 25.08 -5.40 -8.48
CA GLN A 17 25.26 -5.84 -9.87
C GLN A 17 24.72 -4.81 -10.83
N ALA A 18 23.48 -4.33 -10.60
CA ALA A 18 22.92 -3.29 -11.45
C ALA A 18 23.76 -2.03 -11.41
N MET A 19 24.35 -1.73 -10.25
CA MET A 19 25.20 -0.56 -10.12
C MET A 19 26.44 -0.67 -10.99
N GLY A 20 27.14 -1.81 -10.89
CA GLY A 20 28.36 -1.98 -11.68
C GLY A 20 28.11 -1.95 -13.17
N ASN A 21 26.98 -2.51 -13.61
CA ASN A 21 26.66 -2.50 -15.04
C ASN A 21 26.38 -1.08 -15.53
N ALA A 22 25.72 -0.27 -14.71
CA ALA A 22 25.46 1.12 -15.10
C ALA A 22 26.74 1.94 -15.11
N LEU A 23 27.65 1.66 -14.18
CA LEU A 23 28.93 2.37 -14.16
C LEU A 23 29.80 1.98 -15.35
N LEU A 24 29.78 0.70 -15.74
CA LEU A 24 30.51 0.27 -16.92
C LEU A 24 29.88 0.83 -18.19
N ASP A 25 28.55 0.89 -18.23
CA ASP A 25 27.87 1.50 -19.38
C ASP A 25 28.30 2.95 -19.58
N ARG A 26 28.57 3.68 -18.50
CA ARG A 26 29.01 5.06 -18.58
C ARG A 26 30.50 5.19 -18.86
N GLY A 27 31.26 4.11 -18.68
CA GLY A 27 32.68 4.13 -18.97
C GLY A 27 33.58 4.31 -17.77
N HIS A 28 33.03 4.26 -16.56
CA HIS A 28 33.85 4.37 -15.36
C HIS A 28 34.81 3.19 -15.26
N GLY A 29 36.06 3.50 -14.91
CA GLY A 29 37.01 2.46 -14.58
C GLY A 29 36.65 1.83 -13.26
N LEU A 30 36.06 0.63 -13.30
CA LEU A 30 35.40 0.04 -12.15
C LEU A 30 36.24 -1.09 -11.55
N THR A 31 36.53 -0.98 -10.26
CA THR A 31 37.15 -2.04 -9.48
C THR A 31 36.10 -2.61 -8.53
N VAL A 32 35.92 -3.93 -8.56
CA VAL A 32 34.86 -4.56 -7.79
C VAL A 32 35.46 -5.59 -6.84
N TRP A 33 34.75 -5.85 -5.75
CA TRP A 33 35.04 -6.96 -4.86
C TRP A 33 33.75 -7.41 -4.21
N ASN A 34 33.65 -8.71 -3.97
CA ASN A 34 32.47 -9.29 -3.32
C ASN A 34 32.91 -10.47 -2.48
N ARG A 35 32.21 -10.69 -1.36
CA ARG A 35 32.48 -11.85 -0.52
C ARG A 35 32.36 -13.13 -1.33
N THR A 36 31.25 -13.28 -2.05
CA THR A 36 31.08 -14.39 -2.99
C THR A 36 31.64 -13.93 -4.34
N ALA A 37 32.89 -14.30 -4.60
CA ALA A 37 33.60 -13.80 -5.78
C ALA A 37 32.87 -14.16 -7.07
N SER A 38 32.08 -15.23 -7.07
CA SER A 38 31.36 -15.66 -8.26
C SER A 38 30.53 -14.53 -8.86
N ARG A 39 30.02 -13.64 -8.01
CA ARG A 39 29.08 -12.63 -8.45
C ARG A 39 29.74 -11.50 -9.22
N ALA A 40 31.06 -11.46 -9.29
CA ALA A 40 31.76 -10.43 -10.06
C ALA A 40 32.10 -10.89 -11.47
N ASP A 41 31.94 -12.18 -11.78
CA ASP A 41 32.39 -12.73 -13.06
C ASP A 41 31.82 -11.98 -14.25
N ALA A 42 30.52 -11.71 -14.22
CA ALA A 42 29.89 -11.02 -15.35
C ALA A 42 30.38 -9.59 -15.50
N LEU A 43 30.51 -8.87 -14.38
CA LEU A 43 31.03 -7.51 -14.43
C LEU A 43 32.48 -7.50 -14.90
N VAL A 44 33.26 -8.48 -14.47
CA VAL A 44 34.65 -8.57 -14.91
C VAL A 44 34.72 -8.87 -16.40
N ALA A 45 33.83 -9.73 -16.90
CA ALA A 45 33.80 -10.02 -18.34
C ALA A 45 33.46 -8.78 -19.14
N ARG A 46 32.78 -7.81 -18.53
CA ARG A 46 32.46 -6.55 -19.19
C ARG A 46 33.59 -5.53 -19.09
N GLY A 47 34.62 -5.80 -18.31
CA GLY A 47 35.74 -4.89 -18.16
C GLY A 47 36.03 -4.43 -16.75
N ALA A 48 35.24 -4.82 -15.76
CA ALA A 48 35.53 -4.45 -14.38
C ALA A 48 36.78 -5.19 -13.90
N VAL A 49 37.51 -4.53 -13.00
CA VAL A 49 38.74 -5.09 -12.45
C VAL A 49 38.39 -5.78 -11.14
N ARG A 50 38.70 -7.08 -11.05
CA ARG A 50 38.45 -7.83 -9.83
C ARG A 50 39.59 -7.58 -8.85
N ALA A 51 39.25 -7.05 -7.69
CA ALA A 51 40.26 -6.87 -6.66
C ALA A 51 40.56 -8.20 -5.97
N PRO A 52 41.83 -8.53 -5.75
CA PRO A 52 42.14 -9.80 -5.07
C PRO A 52 41.63 -9.86 -3.65
N THR A 53 41.60 -8.74 -2.94
CA THR A 53 41.11 -8.69 -1.56
C THR A 53 40.25 -7.45 -1.39
N VAL A 54 39.60 -7.36 -0.23
CA VAL A 54 38.81 -6.16 0.09
C VAL A 54 39.75 -4.99 0.37
N ALA A 55 40.96 -5.25 0.85
CA ALA A 55 41.91 -4.17 1.09
C ALA A 55 42.45 -3.61 -0.21
N ALA A 56 42.73 -4.48 -1.19
CA ALA A 56 43.15 -4.00 -2.50
C ALA A 56 42.04 -3.23 -3.19
N ALA A 57 40.78 -3.61 -2.96
CA ALA A 57 39.66 -2.86 -3.52
C ALA A 57 39.61 -1.46 -2.94
N VAL A 58 39.70 -1.33 -1.62
CA VAL A 58 39.70 -0.02 -0.98
C VAL A 58 40.89 0.80 -1.46
N ALA A 59 42.05 0.15 -1.59
CA ALA A 59 43.27 0.86 -1.99
C ALA A 59 43.24 1.32 -3.44
N ALA A 60 42.36 0.76 -4.26
CA ALA A 60 42.39 1.05 -5.69
C ALA A 60 41.88 2.45 -6.00
N ASN A 61 41.00 3.01 -5.17
CA ASN A 61 40.37 4.28 -5.50
C ASN A 61 40.09 5.09 -4.24
N GLU A 62 39.93 6.40 -4.44
CA GLU A 62 39.41 7.26 -3.38
C GLU A 62 37.95 6.96 -3.10
N LEU A 63 37.15 6.76 -4.14
CA LEU A 63 35.72 6.54 -4.02
C LEU A 63 35.44 5.05 -3.82
N VAL A 64 34.77 4.71 -2.73
CA VAL A 64 34.41 3.34 -2.40
C VAL A 64 32.92 3.30 -2.14
N VAL A 65 32.17 2.64 -3.02
CA VAL A 65 30.72 2.52 -2.91
C VAL A 65 30.39 1.16 -2.29
N LEU A 66 29.56 1.18 -1.26
CA LEU A 66 29.12 -0.04 -0.58
C LEU A 66 27.64 -0.27 -0.86
N SER A 67 27.28 -1.50 -1.21
CA SER A 67 25.88 -1.92 -1.35
C SER A 67 25.76 -3.23 -0.58
N LEU A 68 25.51 -3.12 0.72
CA LEU A 68 25.48 -4.26 1.62
C LEU A 68 24.14 -4.31 2.34
N THR A 69 23.91 -5.41 3.07
CA THR A 69 22.62 -5.61 3.71
C THR A 69 22.33 -4.54 4.76
N ASP A 70 23.32 -4.25 5.61
CA ASP A 70 23.17 -3.22 6.62
C ASP A 70 24.55 -2.66 6.93
N TYR A 71 24.63 -1.81 7.97
CA TYR A 71 25.90 -1.19 8.31
C TYR A 71 26.81 -2.11 9.11
N ASP A 72 26.27 -3.14 9.76
CA ASP A 72 27.12 -4.12 10.42
C ASP A 72 28.01 -4.84 9.42
N ALA A 73 27.52 -5.05 8.19
CA ALA A 73 28.32 -5.66 7.15
C ALA A 73 29.49 -4.78 6.72
N MET A 74 29.39 -3.46 6.91
CA MET A 74 30.51 -2.58 6.59
C MET A 74 31.67 -2.80 7.56
N TYR A 75 31.37 -2.84 8.86
CA TYR A 75 32.39 -3.16 9.85
C TYR A 75 33.00 -4.53 9.57
N ALA A 76 32.18 -5.50 9.19
CA ALA A 76 32.67 -6.85 8.94
C ALA A 76 33.63 -6.89 7.76
N LEU A 77 33.34 -6.10 6.71
CA LEU A 77 34.17 -6.12 5.51
C LEU A 77 35.36 -5.18 5.63
N LEU A 78 35.15 -3.98 6.18
CA LEU A 78 36.17 -2.94 6.18
C LEU A 78 37.02 -2.94 7.45
N GLY A 79 36.56 -3.60 8.52
CA GLY A 79 37.27 -3.65 9.78
C GLY A 79 38.71 -4.12 9.71
N PRO A 80 38.95 -5.30 9.13
CA PRO A 80 40.33 -5.85 9.13
C PRO A 80 41.39 -4.89 8.57
N ALA A 81 41.12 -4.23 7.45
CA ALA A 81 42.03 -3.23 6.91
C ALA A 81 41.54 -1.81 7.13
N ALA A 82 40.94 -1.55 8.30
CA ALA A 82 40.41 -0.22 8.57
C ALA A 82 41.51 0.83 8.62
N ASP A 83 42.74 0.42 8.93
CA ASP A 83 43.86 1.36 9.01
C ASP A 83 44.24 1.94 7.65
N ALA A 84 43.72 1.40 6.56
CA ALA A 84 43.98 1.93 5.22
C ALA A 84 42.81 2.74 4.69
N LEU A 85 41.85 3.12 5.54
CA LEU A 85 40.71 3.91 5.13
C LEU A 85 40.99 5.40 5.09
N ALA A 86 42.19 5.82 5.50
CA ALA A 86 42.50 7.25 5.55
C ALA A 86 42.42 7.86 4.15
N GLY A 87 41.71 8.99 4.05
CA GLY A 87 41.55 9.67 2.79
C GLY A 87 40.55 9.06 1.84
N LYS A 88 39.84 8.03 2.25
CA LYS A 88 38.85 7.37 1.40
C LYS A 88 37.48 8.02 1.59
N VAL A 89 36.73 8.14 0.49
CA VAL A 89 35.34 8.57 0.53
C VAL A 89 34.49 7.33 0.39
N VAL A 90 33.79 6.96 1.47
CA VAL A 90 32.98 5.75 1.50
C VAL A 90 31.53 6.18 1.32
N VAL A 91 30.95 5.87 0.16
CA VAL A 91 29.54 6.12 -0.11
C VAL A 91 28.79 4.83 0.22
N ASN A 92 28.12 4.82 1.37
CA ASN A 92 27.44 3.63 1.87
C ASN A 92 25.98 3.70 1.43
N LEU A 93 25.60 2.85 0.48
CA LEU A 93 24.23 2.78 -0.03
C LEU A 93 23.42 1.67 0.62
N SER A 94 23.73 1.33 1.87
CA SER A 94 23.05 0.26 2.58
C SER A 94 22.00 0.84 3.52
N SER A 95 20.87 0.14 3.61
CA SER A 95 19.82 0.55 4.53
C SER A 95 20.24 0.31 5.97
N ASP A 96 19.85 1.23 6.85
CA ASP A 96 19.98 1.08 8.30
C ASP A 96 19.27 2.27 8.95
N THR A 97 19.22 2.24 10.27
CA THR A 97 18.59 3.32 11.01
C THR A 97 19.45 4.57 10.94
N PRO A 98 18.84 5.74 11.18
CA PRO A 98 19.66 6.97 11.29
C PRO A 98 20.75 6.88 12.34
N GLU A 99 20.46 6.24 13.48
CA GLU A 99 21.45 6.13 14.54
C GLU A 99 22.64 5.28 14.11
N LYS A 100 22.37 4.08 13.58
CA LYS A 100 23.45 3.22 13.13
C LYS A 100 24.18 3.79 11.93
N THR A 101 23.49 4.61 11.12
CA THR A 101 24.16 5.29 10.03
C THR A 101 25.14 6.32 10.55
N ARG A 102 24.76 7.07 11.60
CA ARG A 102 25.68 8.02 12.22
C ARG A 102 26.86 7.30 12.85
N ALA A 103 26.61 6.17 13.51
CA ALA A 103 27.69 5.39 14.12
C ALA A 103 28.70 4.95 13.08
N GLY A 104 28.22 4.51 11.91
CA GLY A 104 29.13 4.17 10.84
C GLY A 104 29.94 5.36 10.35
N ALA A 105 29.32 6.55 10.33
CA ALA A 105 30.04 7.75 9.94
C ALA A 105 31.12 8.10 10.96
N ARG A 106 30.80 7.97 12.25
CA ARG A 106 31.79 8.21 13.29
C ARG A 106 32.96 7.24 13.17
N TRP A 107 32.65 5.97 12.91
CA TRP A 107 33.70 4.95 12.82
C TRP A 107 34.63 5.21 11.65
N ILE A 108 34.05 5.57 10.48
CA ILE A 108 34.87 5.87 9.31
C ILE A 108 35.74 7.08 9.56
N ALA A 109 35.20 8.10 10.24
CA ALA A 109 35.99 9.29 10.55
C ALA A 109 37.14 8.97 11.49
N GLU A 110 36.90 8.11 12.48
CA GLU A 110 37.96 7.72 13.41
C GLU A 110 39.15 7.13 12.68
N HIS A 111 38.93 6.47 11.54
CA HIS A 111 39.98 5.81 10.78
C HIS A 111 40.43 6.63 9.58
N GLY A 112 40.16 7.93 9.57
CA GLY A 112 40.72 8.82 8.56
C GLY A 112 39.89 8.98 7.30
N GLY A 113 38.84 8.19 7.11
CA GLY A 113 37.97 8.34 5.97
C GLY A 113 36.80 9.26 6.26
N THR A 114 35.96 9.44 5.24
CA THR A 114 34.71 10.18 5.39
C THR A 114 33.60 9.40 4.71
N LEU A 115 32.46 9.27 5.39
CA LEU A 115 31.35 8.49 4.90
C LEU A 115 30.24 9.38 4.39
N ILE A 116 29.69 9.04 3.23
CA ILE A 116 28.49 9.66 2.70
C ILE A 116 27.38 8.61 2.73
N ALA A 117 26.27 8.94 3.36
CA ALA A 117 25.15 8.02 3.49
C ALA A 117 24.20 8.17 2.30
N GLY A 118 23.78 7.05 1.75
CA GLY A 118 22.88 7.06 0.61
C GLY A 118 21.71 6.11 0.82
N GLY A 119 20.57 6.50 0.25
CA GLY A 119 19.38 5.67 0.28
C GLY A 119 18.72 5.60 -1.08
N VAL A 120 18.91 4.48 -1.79
CA VAL A 120 18.46 4.33 -3.16
C VAL A 120 17.00 3.89 -3.15
N THR A 121 16.14 4.66 -3.84
CA THR A 121 14.71 4.43 -3.80
C THR A 121 14.19 3.73 -5.06
N CYS A 122 15.04 3.01 -5.77
CA CYS A 122 14.64 2.29 -6.97
C CYS A 122 15.13 0.86 -6.90
N PRO A 123 14.45 -0.06 -7.60
CA PRO A 123 14.93 -1.44 -7.67
C PRO A 123 16.15 -1.55 -8.57
N PRO A 124 16.79 -2.72 -8.65
CA PRO A 124 17.96 -2.85 -9.53
C PRO A 124 17.72 -2.44 -10.98
N SER A 125 16.54 -2.76 -11.52
CA SER A 125 16.25 -2.39 -12.91
C SER A 125 16.11 -0.89 -13.09
N GLY A 126 15.97 -0.13 -12.01
CA GLY A 126 15.91 1.31 -12.09
C GLY A 126 17.26 2.02 -12.03
N ILE A 127 18.32 1.28 -11.68
CA ILE A 127 19.65 1.88 -11.63
C ILE A 127 20.08 2.29 -13.03
N GLY A 128 20.69 3.47 -13.13
CA GLY A 128 21.12 4.01 -14.41
C GLY A 128 20.07 4.77 -15.17
N SER A 129 18.81 4.72 -14.74
CA SER A 129 17.70 5.44 -15.32
C SER A 129 17.55 6.82 -14.67
N PRO A 130 17.30 7.86 -15.48
CA PRO A 130 17.22 9.21 -14.90
C PRO A 130 15.96 9.44 -14.08
N GLU A 131 14.93 8.61 -14.21
CA GLU A 131 13.75 8.70 -13.36
C GLU A 131 13.99 8.17 -11.96
N SER A 132 15.09 7.46 -11.72
CA SER A 132 15.39 6.93 -10.41
C SER A 132 16.05 8.00 -9.55
N SER A 133 15.96 7.81 -8.23
CA SER A 133 16.46 8.80 -7.28
C SER A 133 17.07 8.09 -6.09
N ALA A 134 17.88 8.85 -5.35
CA ALA A 134 18.51 8.35 -4.14
C ALA A 134 18.76 9.52 -3.20
N PHE A 135 18.43 9.33 -1.93
CA PHE A 135 18.72 10.33 -0.92
C PHE A 135 20.19 10.28 -0.54
N TYR A 136 20.78 11.45 -0.32
CA TYR A 136 22.17 11.53 0.09
C TYR A 136 22.33 12.54 1.21
N SER A 137 23.16 12.17 2.19
CA SER A 137 23.51 13.08 3.26
C SER A 137 24.90 12.70 3.76
N GLY A 138 25.60 13.71 4.28
CA GLY A 138 27.00 13.56 4.63
C GLY A 138 27.75 14.83 4.33
N PRO A 139 29.09 14.77 4.36
CA PRO A 139 29.89 15.96 4.08
C PRO A 139 29.61 16.50 2.69
N SER A 140 29.37 17.81 2.62
CA SER A 140 28.93 18.44 1.38
C SER A 140 30.05 18.48 0.34
N ALA A 141 31.27 18.83 0.77
CA ALA A 141 32.38 18.95 -0.17
C ALA A 141 32.72 17.61 -0.80
N ALA A 142 32.77 16.54 0.01
CA ALA A 142 33.04 15.22 -0.52
C ALA A 142 31.91 14.74 -1.43
N PHE A 143 30.68 15.13 -1.13
CA PHE A 143 29.55 14.74 -1.97
C PHE A 143 29.59 15.46 -3.31
N GLU A 144 29.78 16.78 -3.29
CA GLU A 144 29.85 17.54 -4.53
C GLU A 144 31.01 17.05 -5.40
N ARG A 145 32.11 16.64 -4.77
CA ARG A 145 33.28 16.19 -5.51
C ARG A 145 33.00 14.91 -6.28
N HIS A 146 32.08 14.07 -5.79
CA HIS A 146 31.77 12.80 -6.41
C HIS A 146 30.33 12.70 -6.90
N ARG A 147 29.61 13.83 -6.96
CA ARG A 147 28.20 13.80 -7.34
C ARG A 147 28.02 13.29 -8.76
N GLU A 148 28.88 13.74 -9.68
CA GLU A 148 28.75 13.34 -11.09
C GLU A 148 28.86 11.83 -11.25
N THR A 149 29.77 11.20 -10.50
CA THR A 149 29.87 9.76 -10.53
C THR A 149 28.62 9.12 -9.93
N LEU A 150 28.12 9.68 -8.83
CA LEU A 150 26.91 9.14 -8.21
C LEU A 150 25.69 9.34 -9.11
N ARG A 151 25.71 10.35 -9.97
CA ARG A 151 24.58 10.58 -10.87
C ARG A 151 24.53 9.59 -12.03
N THR A 152 25.55 8.75 -12.17
CA THR A 152 25.44 7.62 -13.09
C THR A 152 24.40 6.61 -12.58
N LEU A 153 24.36 6.40 -11.27
CA LEU A 153 23.43 5.44 -10.70
C LEU A 153 22.00 5.98 -10.71
N THR A 154 21.78 7.10 -10.03
CA THR A 154 20.46 7.72 -9.96
C THR A 154 20.60 9.22 -9.97
N ARG A 155 19.46 9.91 -9.96
CA ARG A 155 19.44 11.30 -9.55
C ARG A 155 19.79 11.40 -8.07
N THR A 156 20.54 12.44 -7.70
CA THR A 156 21.00 12.62 -6.34
C THR A 156 20.16 13.67 -5.64
N ASP A 157 19.66 13.35 -4.45
CA ASP A 157 18.84 14.23 -3.64
C ASP A 157 19.59 14.47 -2.33
N TYR A 158 20.40 15.52 -2.31
CA TYR A 158 21.22 15.82 -1.14
C TYR A 158 20.36 16.47 -0.05
N ARG A 159 20.41 15.91 1.16
CA ARG A 159 19.54 16.33 2.24
C ARG A 159 20.24 17.12 3.34
N GLY A 160 21.57 17.12 3.38
CA GLY A 160 22.27 17.84 4.43
C GLY A 160 23.49 17.11 4.97
N GLU A 161 24.11 17.68 6.00
CA GLU A 161 25.38 17.16 6.49
C GLU A 161 25.19 15.87 7.29
N ASP A 162 24.13 15.79 8.07
CA ASP A 162 23.94 14.67 8.99
C ASP A 162 23.70 13.38 8.24
N PRO A 163 24.55 12.36 8.40
CA PRO A 163 24.34 11.09 7.68
C PRO A 163 23.00 10.43 7.98
N GLY A 164 22.42 10.68 9.16
CA GLY A 164 21.13 10.10 9.49
C GLY A 164 19.99 10.60 8.63
N LEU A 165 20.20 11.69 7.89
CA LEU A 165 19.13 12.27 7.09
C LEU A 165 18.73 11.36 5.94
N ALA A 166 19.71 10.89 5.15
CA ALA A 166 19.41 10.01 4.02
C ALA A 166 18.75 8.71 4.49
N ALA A 167 19.23 8.16 5.61
CA ALA A 167 18.61 6.96 6.17
C ALA A 167 17.19 7.24 6.66
N LEU A 168 16.99 8.39 7.32
CA LEU A 168 15.66 8.75 7.78
C LEU A 168 14.68 8.88 6.62
N TRP A 169 15.08 9.60 5.57
CA TRP A 169 14.21 9.75 4.40
C TRP A 169 13.94 8.42 3.73
N TYR A 170 14.92 7.52 3.71
CA TYR A 170 14.72 6.20 3.14
C TYR A 170 13.66 5.42 3.91
N GLN A 171 13.78 5.39 5.24
CA GLN A 171 12.81 4.65 6.06
C GLN A 171 11.42 5.26 5.96
N ILE A 172 11.33 6.59 5.80
CA ILE A 172 10.04 7.24 5.72
C ILE A 172 9.25 6.74 4.52
N GLY A 173 9.92 6.61 3.37
CA GLY A 173 9.25 6.06 2.20
C GLY A 173 9.09 4.55 2.26
N MET A 174 10.03 3.86 2.90
CA MET A 174 10.02 2.40 2.89
C MET A 174 8.93 1.83 3.79
N VAL A 175 8.55 2.55 4.85
CA VAL A 175 7.48 2.05 5.72
C VAL A 175 6.15 2.04 4.96
N MET A 176 5.94 3.00 4.07
CA MET A 176 4.77 2.97 3.21
C MET A 176 4.89 1.89 2.15
N TRP A 177 6.10 1.74 1.58
CA TRP A 177 6.31 0.79 0.50
C TRP A 177 6.07 -0.64 0.95
N TRP A 178 6.71 -1.05 2.06
CA TRP A 178 6.54 -2.41 2.55
C TRP A 178 5.10 -2.67 2.97
N ASN A 179 4.45 -1.67 3.58
CA ASN A 179 3.04 -1.81 3.94
C ASN A 179 2.19 -2.13 2.73
N ALA A 180 2.41 -1.39 1.64
CA ALA A 180 1.60 -1.60 0.44
C ALA A 180 1.92 -2.93 -0.23
N MET A 181 3.20 -3.31 -0.25
CA MET A 181 3.59 -4.53 -0.96
C MET A 181 3.14 -5.78 -0.19
N LEU A 182 3.23 -5.75 1.14
CA LEU A 182 2.67 -6.85 1.92
C LEU A 182 1.16 -6.91 1.79
N GLY A 183 0.51 -5.75 1.65
CA GLY A 183 -0.91 -5.75 1.34
C GLY A 183 -1.21 -6.38 -0.01
N TYR A 184 -0.30 -6.19 -0.97
CA TYR A 184 -0.42 -6.84 -2.26
C TYR A 184 -0.40 -8.35 -2.11
N LEU A 185 0.59 -8.87 -1.39
CA LEU A 185 0.65 -10.30 -1.13
C LEU A 185 -0.60 -10.79 -0.40
N GLN A 186 -1.10 -9.98 0.54
CA GLN A 186 -2.34 -10.33 1.22
C GLN A 186 -3.51 -10.36 0.25
N ALA A 187 -3.57 -9.40 -0.67
CA ALA A 187 -4.63 -9.40 -1.68
C ALA A 187 -4.47 -10.56 -2.64
N VAL A 188 -3.23 -10.88 -3.02
CA VAL A 188 -2.99 -12.04 -3.87
C VAL A 188 -3.39 -13.32 -3.15
N ALA A 189 -3.10 -13.40 -1.85
CA ALA A 189 -3.49 -14.57 -1.07
C ALA A 189 -5.00 -14.72 -1.01
N LEU A 190 -5.72 -13.62 -0.82
CA LEU A 190 -7.18 -13.68 -0.82
C LEU A 190 -7.71 -14.09 -2.19
N ALA A 191 -7.11 -13.55 -3.26
CA ALA A 191 -7.52 -13.92 -4.60
C ALA A 191 -7.29 -15.40 -4.86
N ASP A 192 -6.15 -15.93 -4.41
CA ASP A 192 -5.83 -17.33 -4.65
C ASP A 192 -6.82 -18.26 -3.95
N ALA A 193 -7.25 -17.88 -2.74
CA ALA A 193 -8.26 -18.67 -2.03
C ALA A 193 -9.61 -18.68 -2.75
N ASN A 194 -9.81 -17.79 -3.72
CA ASN A 194 -11.06 -17.72 -4.46
C ASN A 194 -10.86 -17.99 -5.96
N GLY A 195 -9.80 -18.71 -6.31
CA GLY A 195 -9.59 -19.08 -7.70
C GLY A 195 -9.16 -17.94 -8.60
N LEU A 196 -8.53 -16.92 -8.05
CA LEU A 196 -8.06 -15.78 -8.83
C LEU A 196 -6.53 -15.69 -8.73
N LYS A 197 -5.90 -15.29 -9.83
CA LYS A 197 -4.45 -15.12 -9.87
C LYS A 197 -4.10 -13.65 -9.62
N ALA A 198 -2.82 -13.42 -9.34
CA ALA A 198 -2.34 -12.04 -9.22
C ALA A 198 -2.53 -11.28 -10.52
N ALA A 199 -2.48 -11.97 -11.66
CA ALA A 199 -2.73 -11.32 -12.94
C ALA A 199 -4.18 -10.88 -13.08
N ASP A 200 -5.12 -11.59 -12.46
CA ASP A 200 -6.52 -11.21 -12.55
C ASP A 200 -6.81 -9.95 -11.76
N ILE A 201 -6.23 -9.82 -10.56
CA ILE A 201 -6.46 -8.67 -9.70
C ILE A 201 -5.49 -7.53 -9.98
N LEU A 202 -4.48 -7.75 -10.81
CA LEU A 202 -3.48 -6.72 -11.11
C LEU A 202 -4.07 -5.41 -11.60
N PRO A 203 -4.97 -5.36 -12.58
CA PRO A 203 -5.50 -4.05 -13.02
C PRO A 203 -6.22 -3.29 -11.92
N HIS A 204 -7.09 -3.96 -11.16
CA HIS A 204 -7.80 -3.28 -10.09
C HIS A 204 -6.86 -2.87 -8.97
N ALA A 205 -5.89 -3.72 -8.63
CA ALA A 205 -4.92 -3.37 -7.61
C ALA A 205 -4.09 -2.17 -8.05
N SER A 206 -3.74 -2.11 -9.33
CA SER A 206 -2.97 -0.97 -9.84
C SER A 206 -3.82 0.30 -9.86
N ASP A 207 -5.06 0.20 -10.34
CA ASP A 207 -5.98 1.33 -10.30
C ASP A 207 -6.13 1.88 -8.89
N THR A 208 -6.18 0.97 -7.89
CA THR A 208 -6.41 1.40 -6.52
C THR A 208 -5.24 2.21 -5.99
N VAL A 209 -4.02 1.72 -6.15
CA VAL A 209 -2.86 2.42 -5.61
C VAL A 209 -2.54 3.66 -6.44
N ALA A 210 -2.90 3.66 -7.73
CA ALA A 210 -2.64 4.82 -8.56
C ALA A 210 -3.45 6.04 -8.13
N GLY A 211 -4.57 5.82 -7.44
CA GLY A 211 -5.37 6.91 -6.92
C GLY A 211 -5.00 7.38 -5.54
N LEU A 212 -4.04 6.72 -4.90
CA LEU A 212 -3.62 7.12 -3.56
C LEU A 212 -3.00 8.52 -3.47
N PRO A 213 -2.23 9.02 -4.47
CA PRO A 213 -1.65 10.36 -4.32
C PRO A 213 -2.67 11.45 -4.05
N PHE A 214 -3.87 11.36 -4.64
CA PHE A 214 -4.90 12.35 -4.36
C PHE A 214 -5.27 12.35 -2.88
N PHE A 215 -5.34 11.17 -2.27
CA PHE A 215 -5.64 11.09 -0.84
C PHE A 215 -4.45 11.54 -0.01
N LEU A 216 -3.22 11.25 -0.48
CA LEU A 216 -2.04 11.74 0.21
C LEU A 216 -2.02 13.26 0.24
N ARG A 217 -2.35 13.90 -0.88
CA ARG A 217 -2.39 15.35 -0.93
C ARG A 217 -3.54 15.90 -0.09
N PHE A 218 -4.71 15.25 -0.16
CA PHE A 218 -5.86 15.70 0.61
C PHE A 218 -5.56 15.70 2.10
N TYR A 219 -4.89 14.66 2.60
CA TYR A 219 -4.68 14.52 4.03
C TYR A 219 -3.39 15.16 4.51
N ALA A 220 -2.47 15.49 3.60
CA ALA A 220 -1.22 16.13 4.01
C ALA A 220 -1.50 17.48 4.68
N ASP A 221 -2.22 18.36 4.00
CA ASP A 221 -2.47 19.69 4.58
C ASP A 221 -3.46 19.63 5.74
N ARG A 222 -4.34 18.63 5.76
CA ARG A 222 -5.24 18.47 6.91
C ARG A 222 -4.46 18.07 8.15
N ILE A 223 -3.54 17.11 8.00
CA ILE A 223 -2.72 16.68 9.13
C ILE A 223 -1.81 17.82 9.60
N ASP A 224 -1.31 18.63 8.66
CA ASP A 224 -0.30 19.62 9.00
C ASP A 224 -0.88 20.81 9.75
N THR A 225 -2.16 21.13 9.53
CA THR A 225 -2.84 22.18 10.27
C THR A 225 -3.57 21.67 11.52
N GLY A 226 -3.36 20.41 11.89
CA GLY A 226 -4.09 19.85 13.00
C GLY A 226 -5.56 19.61 12.74
N HIS A 227 -6.01 19.74 11.51
CA HIS A 227 -7.42 19.50 11.16
C HIS A 227 -7.65 18.00 11.11
N HIS A 228 -8.09 17.42 12.23
CA HIS A 228 -8.47 16.02 12.28
C HIS A 228 -9.98 15.84 12.41
N GLY A 229 -10.74 16.81 11.90
CA GLY A 229 -12.19 16.74 11.99
C GLY A 229 -12.77 15.63 11.13
N GLY A 230 -13.88 15.07 11.61
CA GLY A 230 -14.53 13.98 10.92
C GLY A 230 -15.46 14.42 9.80
N ASP A 231 -15.17 15.58 9.20
CA ASP A 231 -15.99 16.09 8.11
C ASP A 231 -15.69 15.38 6.79
N ALA A 232 -14.43 14.96 6.59
CA ALA A 232 -14.09 14.23 5.38
C ALA A 232 -14.36 12.74 5.51
N ASP A 233 -14.21 12.20 6.72
CA ASP A 233 -14.35 10.77 6.98
C ASP A 233 -14.43 10.57 8.48
N ARG A 234 -15.05 9.46 8.90
CA ARG A 234 -15.18 9.12 10.31
C ARG A 234 -14.39 7.85 10.58
N LEU A 235 -13.59 7.88 11.65
CA LEU A 235 -12.71 6.76 11.96
C LEU A 235 -13.49 5.48 12.17
N ALA A 236 -14.65 5.56 12.83
CA ALA A 236 -15.47 4.37 13.05
C ALA A 236 -15.88 3.72 11.74
N MET A 237 -16.08 4.52 10.68
CA MET A 237 -16.38 3.96 9.38
C MET A 237 -15.18 3.25 8.79
N GLY A 238 -13.97 3.72 9.10
CA GLY A 238 -12.78 2.99 8.68
C GLY A 238 -12.61 1.69 9.45
N THR A 239 -12.99 1.69 10.73
CA THR A 239 -12.96 0.46 11.51
C THR A 239 -13.82 -0.62 10.87
N ALA A 240 -15.05 -0.26 10.49
CA ALA A 240 -15.93 -1.21 9.82
C ALA A 240 -15.30 -1.71 8.52
N SER A 241 -14.63 -0.82 7.78
CA SER A 241 -14.02 -1.20 6.52
C SER A 241 -12.88 -2.20 6.73
N VAL A 242 -12.01 -1.93 7.70
CA VAL A 242 -10.90 -2.85 7.96
C VAL A 242 -11.38 -4.12 8.66
N GLU A 243 -12.48 -4.04 9.42
CA GLU A 243 -13.08 -5.25 9.95
C GLU A 243 -13.62 -6.14 8.84
N HIS A 244 -14.18 -5.53 7.79
CA HIS A 244 -14.65 -6.31 6.65
C HIS A 244 -13.50 -7.02 5.95
N ILE A 245 -12.37 -6.33 5.79
CA ILE A 245 -11.19 -6.96 5.20
C ILE A 245 -10.75 -8.15 6.05
N LEU A 246 -10.63 -7.94 7.36
CA LEU A 246 -10.17 -8.99 8.26
C LEU A 246 -11.07 -10.22 8.17
N HIS A 247 -12.38 -10.02 8.27
CA HIS A 247 -13.29 -11.16 8.26
C HIS A 247 -13.39 -11.79 6.88
N THR A 248 -13.26 -10.99 5.82
CA THR A 248 -13.16 -11.56 4.48
C THR A 248 -11.96 -12.50 4.38
N MET A 249 -10.82 -12.04 4.89
CA MET A 249 -9.62 -12.88 4.96
C MET A 249 -9.89 -14.15 5.74
N ALA A 250 -10.44 -14.02 6.95
CA ALA A 250 -10.65 -15.17 7.81
C ALA A 250 -11.65 -16.15 7.21
N ASP A 251 -12.72 -15.64 6.60
CA ASP A 251 -13.70 -16.52 5.97
C ASP A 251 -13.08 -17.37 4.87
N SER A 252 -12.07 -16.85 4.18
CA SER A 252 -11.41 -17.55 3.09
C SER A 252 -10.24 -18.41 3.55
N GLY A 253 -10.03 -18.54 4.85
CA GLY A 253 -8.92 -19.32 5.37
C GLY A 253 -7.55 -18.71 5.17
N VAL A 254 -7.48 -17.42 4.83
CA VAL A 254 -6.21 -16.73 4.58
C VAL A 254 -5.69 -16.18 5.90
N ASP A 255 -4.36 -16.10 6.02
CA ASP A 255 -3.74 -15.55 7.21
C ASP A 255 -4.26 -14.16 7.52
N THR A 256 -4.37 -13.85 8.81
CA THR A 256 -4.98 -12.61 9.27
C THR A 256 -4.07 -11.81 10.20
N ALA A 257 -2.77 -12.13 10.25
CA ALA A 257 -1.87 -11.44 11.17
C ALA A 257 -1.84 -9.94 10.90
N LEU A 258 -1.60 -9.55 9.65
CA LEU A 258 -1.57 -8.12 9.32
C LEU A 258 -2.96 -7.50 9.36
N PRO A 259 -4.02 -8.13 8.82
CA PRO A 259 -5.36 -7.54 8.99
C PRO A 259 -5.75 -7.31 10.44
N GLU A 260 -5.34 -8.19 11.35
CA GLU A 260 -5.60 -7.97 12.78
C GLU A 260 -4.85 -6.74 13.28
N ALA A 261 -3.58 -6.61 12.91
CA ALA A 261 -2.79 -5.45 13.33
C ALA A 261 -3.42 -4.14 12.87
N VAL A 262 -3.97 -4.12 11.65
CA VAL A 262 -4.65 -2.93 11.15
C VAL A 262 -5.92 -2.66 11.95
N VAL A 263 -6.72 -3.70 12.21
CA VAL A 263 -7.92 -3.53 13.02
C VAL A 263 -7.55 -3.07 14.43
N ALA A 264 -6.46 -3.61 14.98
CA ALA A 264 -6.06 -3.26 16.34
C ALA A 264 -5.74 -1.77 16.46
N LEU A 265 -5.17 -1.19 15.40
CA LEU A 265 -4.84 0.24 15.45
C LEU A 265 -6.09 1.10 15.39
N PHE A 266 -7.06 0.71 14.55
CA PHE A 266 -8.34 1.42 14.54
C PHE A 266 -9.06 1.32 15.88
N ARG A 267 -8.98 0.16 16.52
CA ARG A 267 -9.58 -0.01 17.84
C ARG A 267 -8.91 0.89 18.87
N ARG A 268 -7.59 1.06 18.76
CA ARG A 268 -6.90 2.05 19.59
C ARG A 268 -7.39 3.45 19.28
N GLY A 269 -7.67 3.74 18.01
CA GLY A 269 -8.23 5.04 17.65
C GLY A 269 -9.57 5.29 18.31
N GLU A 270 -10.43 4.28 18.33
CA GLU A 270 -11.72 4.42 18.99
C GLU A 270 -11.56 4.46 20.51
N ALA A 271 -10.59 3.72 21.06
CA ALA A 271 -10.35 3.77 22.49
C ALA A 271 -9.83 5.14 22.94
N ALA A 272 -9.19 5.88 22.03
CA ALA A 272 -8.74 7.23 22.35
C ALA A 272 -9.84 8.27 22.18
N GLY A 273 -11.05 7.87 21.82
CA GLY A 273 -12.14 8.79 21.63
C GLY A 273 -12.23 9.43 20.25
N TYR A 274 -11.58 8.83 19.24
CA TYR A 274 -11.48 9.43 17.91
C TYR A 274 -12.53 8.89 16.94
N ALA A 275 -13.57 8.21 17.43
CA ALA A 275 -14.50 7.51 16.54
C ALA A 275 -15.16 8.46 15.55
N GLU A 276 -15.53 9.65 15.99
CA GLU A 276 -16.18 10.62 15.13
C GLU A 276 -15.19 11.52 14.39
N ASN A 277 -13.91 11.43 14.69
CA ASN A 277 -12.90 12.20 13.99
C ASN A 277 -12.40 11.43 12.76
N SER A 278 -11.60 12.11 11.94
CA SER A 278 -11.00 11.47 10.79
C SER A 278 -10.05 10.35 11.25
N PHE A 279 -9.87 9.35 10.39
CA PHE A 279 -8.89 8.31 10.66
C PHE A 279 -7.48 8.88 10.74
N SER A 280 -7.25 10.06 10.17
CA SER A 280 -5.96 10.73 10.28
C SER A 280 -5.59 11.05 11.72
N SER A 281 -6.59 11.11 12.62
CA SER A 281 -6.32 11.38 14.03
C SER A 281 -5.41 10.31 14.65
N MET A 282 -5.32 9.13 14.03
CA MET A 282 -4.46 8.08 14.55
C MET A 282 -2.98 8.44 14.46
N VAL A 283 -2.64 9.46 13.67
CA VAL A 283 -1.27 9.96 13.64
C VAL A 283 -0.86 10.50 15.01
N GLU A 284 -1.84 10.89 15.83
CA GLU A 284 -1.54 11.32 17.20
C GLU A 284 -1.22 10.12 18.09
N LEU A 285 -1.90 8.99 17.86
CA LEU A 285 -1.52 7.76 18.55
C LEU A 285 -0.16 7.28 18.09
N LEU A 286 0.10 7.36 16.77
CA LEU A 286 1.36 6.87 16.22
C LEU A 286 2.55 7.70 16.66
N LYS A 287 2.33 8.92 17.15
CA LYS A 287 3.43 9.75 17.62
C LYS A 287 3.88 9.38 19.03
N LYS A 288 3.07 8.64 19.77
CA LYS A 288 3.43 8.29 21.15
C LYS A 288 4.34 7.05 21.15
N PRO A 289 5.34 7.02 22.04
CA PRO A 289 6.31 5.93 22.01
C PRO A 289 5.69 4.60 22.39
N SER A 290 6.44 3.53 22.08
CA SER A 290 6.04 2.15 22.37
C SER A 290 4.72 1.81 21.67
N PRO B 4 -36.08 5.56 -19.25
CA PRO B 4 -35.62 5.48 -17.86
C PRO B 4 -36.62 4.79 -16.92
N ALA B 5 -36.27 3.58 -16.49
CA ALA B 5 -37.14 2.80 -15.63
C ALA B 5 -37.28 3.44 -14.25
N PRO B 6 -38.44 3.32 -13.62
CA PRO B 6 -38.59 3.76 -12.23
C PRO B 6 -37.97 2.76 -11.27
N LEU B 7 -37.61 3.27 -10.09
CA LEU B 7 -36.99 2.41 -9.09
C LEU B 7 -37.14 3.06 -7.72
N THR B 8 -36.86 2.27 -6.69
CA THR B 8 -36.89 2.71 -5.30
C THR B 8 -35.47 2.71 -4.74
N LEU B 9 -35.13 3.77 -4.00
CA LEU B 9 -33.83 3.91 -3.37
C LEU B 9 -34.03 4.06 -1.87
N ILE B 10 -33.38 3.18 -1.10
CA ILE B 10 -33.47 3.20 0.36
C ILE B 10 -32.05 3.37 0.91
N GLY B 11 -31.89 4.33 1.81
CA GLY B 11 -30.58 4.67 2.34
C GLY B 11 -30.06 5.95 1.75
N LEU B 12 -30.13 7.05 2.52
CA LEU B 12 -29.81 8.35 1.97
C LEU B 12 -28.65 9.02 2.70
N GLY B 13 -27.56 8.27 2.91
CA GLY B 13 -26.30 8.86 3.31
C GLY B 13 -25.65 9.52 2.11
N PRO B 14 -24.39 9.95 2.27
CA PRO B 14 -23.70 10.61 1.13
C PRO B 14 -23.76 9.81 -0.16
N MET B 15 -23.59 8.49 -0.08
CA MET B 15 -23.67 7.66 -1.28
C MET B 15 -25.08 7.66 -1.85
N GLY B 16 -26.08 7.42 -1.00
CA GLY B 16 -27.46 7.39 -1.48
C GLY B 16 -27.91 8.71 -2.05
N GLN B 17 -27.46 9.82 -1.47
CA GLN B 17 -27.79 11.14 -2.00
C GLN B 17 -27.26 11.30 -3.42
N ALA B 18 -25.98 11.01 -3.63
CA ALA B 18 -25.38 11.13 -4.96
C ALA B 18 -26.08 10.20 -5.95
N MET B 19 -26.52 9.03 -5.48
CA MET B 19 -27.20 8.09 -6.36
C MET B 19 -28.56 8.62 -6.77
N GLY B 20 -29.37 9.06 -5.81
CA GLY B 20 -30.68 9.60 -6.14
C GLY B 20 -30.61 10.81 -7.04
N ASN B 21 -29.60 11.66 -6.85
CA ASN B 21 -29.42 12.81 -7.73
C ASN B 21 -29.04 12.37 -9.14
N ALA B 22 -28.15 11.39 -9.26
CA ALA B 22 -27.78 10.88 -10.58
C ALA B 22 -28.98 10.24 -11.28
N LEU B 23 -29.82 9.55 -10.52
CA LEU B 23 -31.00 8.93 -11.11
C LEU B 23 -32.02 9.98 -11.56
N LEU B 24 -32.23 11.02 -10.75
CA LEU B 24 -33.13 12.09 -11.16
C LEU B 24 -32.57 12.87 -12.35
N ASP B 25 -31.24 13.05 -12.37
CA ASP B 25 -30.62 13.74 -13.50
C ASP B 25 -30.92 13.04 -14.81
N ARG B 26 -30.82 11.71 -14.82
CA ARG B 26 -31.05 10.92 -16.03
C ARG B 26 -32.53 10.79 -16.36
N GLY B 27 -33.43 11.03 -15.40
CA GLY B 27 -34.85 10.99 -15.65
C GLY B 27 -35.59 9.81 -15.07
N HIS B 28 -34.97 9.06 -14.17
CA HIS B 28 -35.66 7.93 -13.55
C HIS B 28 -36.71 8.43 -12.56
N GLY B 29 -37.88 7.80 -12.59
CA GLY B 29 -38.86 8.02 -11.55
C GLY B 29 -38.36 7.41 -10.25
N LEU B 30 -38.23 8.23 -9.20
CA LEU B 30 -37.51 7.82 -8.00
C LEU B 30 -38.41 7.89 -6.79
N THR B 31 -38.58 6.74 -6.13
CA THR B 31 -39.19 6.68 -4.81
C THR B 31 -38.09 6.47 -3.78
N VAL B 32 -38.09 7.29 -2.73
CA VAL B 32 -37.03 7.24 -1.73
C VAL B 32 -37.63 6.98 -0.36
N TRP B 33 -36.81 6.38 0.50
CA TRP B 33 -37.13 6.23 1.91
C TRP B 33 -35.83 6.17 2.68
N ASN B 34 -35.82 6.75 3.87
CA ASN B 34 -34.66 6.70 4.75
C ASN B 34 -35.14 6.63 6.19
N ARG B 35 -34.34 5.96 7.02
CA ARG B 35 -34.67 5.89 8.45
C ARG B 35 -34.80 7.28 9.05
N THR B 36 -33.93 8.20 8.64
CA THR B 36 -34.04 9.61 9.00
C THR B 36 -34.70 10.32 7.82
N ALA B 37 -35.98 10.66 7.98
CA ALA B 37 -36.79 11.09 6.84
C ALA B 37 -36.32 12.43 6.26
N SER B 38 -35.76 13.31 7.10
CA SER B 38 -35.36 14.63 6.61
C SER B 38 -34.25 14.56 5.57
N ARG B 39 -33.51 13.45 5.51
CA ARG B 39 -32.45 13.31 4.52
C ARG B 39 -33.01 13.25 3.10
N ALA B 40 -34.30 12.97 2.95
CA ALA B 40 -34.93 12.92 1.64
C ALA B 40 -35.38 14.28 1.14
N ASP B 41 -35.27 15.33 1.96
CA ASP B 41 -35.88 16.62 1.65
C ASP B 41 -35.46 17.13 0.28
N ALA B 42 -34.15 17.21 0.04
CA ALA B 42 -33.66 17.77 -1.22
C ALA B 42 -34.08 16.92 -2.42
N LEU B 43 -34.01 15.60 -2.29
CA LEU B 43 -34.41 14.73 -3.41
C LEU B 43 -35.90 14.84 -3.69
N VAL B 44 -36.71 14.96 -2.63
CA VAL B 44 -38.15 15.11 -2.82
C VAL B 44 -38.48 16.42 -3.51
N ALA B 45 -37.82 17.51 -3.08
CA ALA B 45 -38.02 18.80 -3.73
C ALA B 45 -37.61 18.76 -5.20
N ARG B 46 -36.70 17.85 -5.56
CA ARG B 46 -36.29 17.69 -6.94
C ARG B 46 -37.29 16.88 -7.77
N GLY B 47 -38.21 16.15 -7.13
CA GLY B 47 -39.18 15.37 -7.88
C GLY B 47 -39.31 13.94 -7.39
N ALA B 48 -38.38 13.50 -6.55
CA ALA B 48 -38.46 12.16 -6.00
C ALA B 48 -39.71 12.03 -5.11
N VAL B 49 -40.26 10.82 -5.08
CA VAL B 49 -41.46 10.55 -4.30
C VAL B 49 -41.04 10.00 -2.95
N ARG B 50 -41.47 10.67 -1.89
CA ARG B 50 -41.18 10.23 -0.53
C ARG B 50 -42.16 9.13 -0.12
N ALA B 51 -41.64 7.94 0.11
CA ALA B 51 -42.52 6.89 0.61
C ALA B 51 -42.76 7.08 2.11
N PRO B 52 -44.00 6.91 2.56
CA PRO B 52 -44.28 7.10 4.00
C PRO B 52 -43.67 6.02 4.88
N THR B 53 -43.48 4.81 4.35
CA THR B 53 -42.92 3.70 5.12
C THR B 53 -41.97 2.91 4.22
N VAL B 54 -41.11 2.12 4.85
CA VAL B 54 -40.21 1.25 4.09
C VAL B 54 -41.01 0.21 3.33
N ALA B 55 -42.13 -0.26 3.92
CA ALA B 55 -42.98 -1.20 3.21
C ALA B 55 -43.59 -0.56 1.97
N ALA B 56 -44.05 0.70 2.08
CA ALA B 56 -44.57 1.40 0.92
C ALA B 56 -43.47 1.62 -0.12
N ALA B 57 -42.25 1.90 0.33
CA ALA B 57 -41.13 2.07 -0.60
C ALA B 57 -40.87 0.80 -1.38
N VAL B 58 -40.82 -0.34 -0.70
CA VAL B 58 -40.53 -1.60 -1.36
C VAL B 58 -41.65 -1.98 -2.31
N ALA B 59 -42.90 -1.74 -1.92
CA ALA B 59 -44.03 -2.08 -2.77
C ALA B 59 -44.11 -1.24 -4.02
N ALA B 60 -43.46 -0.07 -4.04
CA ALA B 60 -43.68 0.90 -5.11
C ALA B 60 -43.02 0.47 -6.42
N ASN B 61 -41.93 -0.28 -6.37
CA ASN B 61 -41.17 -0.60 -7.57
C ASN B 61 -40.64 -2.02 -7.50
N GLU B 62 -40.34 -2.58 -8.68
CA GLU B 62 -39.67 -3.87 -8.75
C GLU B 62 -38.21 -3.75 -8.33
N LEU B 63 -37.52 -2.72 -8.82
CA LEU B 63 -36.11 -2.51 -8.51
C LEU B 63 -35.99 -1.71 -7.21
N VAL B 64 -35.27 -2.27 -6.25
CA VAL B 64 -35.04 -1.63 -4.96
C VAL B 64 -33.53 -1.55 -4.75
N VAL B 65 -33.00 -0.34 -4.79
CA VAL B 65 -31.57 -0.11 -4.55
C VAL B 65 -31.36 0.26 -3.10
N LEU B 66 -30.39 -0.38 -2.45
CA LEU B 66 -30.07 -0.14 -1.06
C LEU B 66 -28.65 0.43 -0.96
N SER B 67 -28.51 1.50 -0.19
CA SER B 67 -27.21 2.11 0.11
C SER B 67 -27.17 2.33 1.62
N LEU B 68 -26.90 1.25 2.36
CA LEU B 68 -26.90 1.27 3.81
C LEU B 68 -25.50 0.95 4.34
N THR B 69 -25.40 0.78 5.66
CA THR B 69 -24.11 0.54 6.28
C THR B 69 -23.57 -0.84 5.95
N ASP B 70 -24.28 -1.88 6.37
CA ASP B 70 -23.87 -3.25 6.11
C ASP B 70 -25.12 -4.10 5.93
N TYR B 71 -24.95 -5.42 5.87
CA TYR B 71 -26.09 -6.29 5.60
C TYR B 71 -26.94 -6.52 6.84
N ASP B 72 -26.41 -6.29 8.03
CA ASP B 72 -27.25 -6.29 9.22
C ASP B 72 -28.27 -5.16 9.18
N ALA B 73 -27.88 -4.02 8.60
CA ALA B 73 -28.81 -2.91 8.44
C ALA B 73 -29.93 -3.27 7.47
N MET B 74 -29.66 -4.18 6.52
CA MET B 74 -30.72 -4.61 5.62
C MET B 74 -31.76 -5.45 6.34
N TYR B 75 -31.31 -6.37 7.22
CA TYR B 75 -32.23 -7.18 7.99
C TYR B 75 -33.08 -6.32 8.91
N ALA B 76 -32.43 -5.39 9.61
CA ALA B 76 -33.16 -4.51 10.52
C ALA B 76 -34.18 -3.67 9.78
N LEU B 77 -33.85 -3.21 8.56
CA LEU B 77 -34.74 -2.34 7.83
C LEU B 77 -35.82 -3.14 7.08
N LEU B 78 -35.42 -4.17 6.35
CA LEU B 78 -36.34 -4.91 5.49
C LEU B 78 -37.08 -6.02 6.24
N GLY B 79 -36.64 -6.38 7.44
CA GLY B 79 -37.24 -7.45 8.21
C GLY B 79 -38.74 -7.31 8.38
N PRO B 80 -39.19 -6.21 8.99
CA PRO B 80 -40.63 -6.00 9.15
C PRO B 80 -41.40 -5.97 7.84
N ALA B 81 -40.74 -5.72 6.71
CA ALA B 81 -41.40 -5.67 5.40
C ALA B 81 -41.06 -6.86 4.52
N ALA B 82 -40.52 -7.93 5.10
CA ALA B 82 -39.94 -9.03 4.34
C ALA B 82 -40.92 -9.67 3.36
N ASP B 83 -42.23 -9.51 3.59
CA ASP B 83 -43.20 -10.15 2.71
C ASP B 83 -43.36 -9.39 1.39
N ALA B 84 -43.15 -8.07 1.41
CA ALA B 84 -43.28 -7.27 0.20
C ALA B 84 -42.13 -7.55 -0.76
N LEU B 85 -41.18 -8.40 -0.35
CA LEU B 85 -40.00 -8.69 -1.13
C LEU B 85 -40.26 -9.65 -2.29
N ALA B 86 -41.42 -10.31 -2.32
CA ALA B 86 -41.70 -11.26 -3.39
C ALA B 86 -41.72 -10.57 -4.75
N GLY B 87 -40.96 -11.10 -5.69
CA GLY B 87 -40.87 -10.55 -7.03
C GLY B 87 -39.95 -9.37 -7.19
N LYS B 88 -39.35 -8.88 -6.11
CA LYS B 88 -38.49 -7.71 -6.17
C LYS B 88 -37.06 -8.10 -6.51
N VAL B 89 -36.34 -7.17 -7.14
CA VAL B 89 -34.92 -7.28 -7.39
C VAL B 89 -34.21 -6.29 -6.46
N VAL B 90 -33.53 -6.80 -5.45
CA VAL B 90 -32.86 -5.98 -4.45
C VAL B 90 -31.39 -5.84 -4.87
N VAL B 91 -31.00 -4.64 -5.26
CA VAL B 91 -29.61 -4.32 -5.58
C VAL B 91 -29.02 -3.66 -4.35
N ASN B 92 -28.27 -4.44 -3.56
CA ASN B 92 -27.67 -3.95 -2.33
C ASN B 92 -26.27 -3.44 -2.64
N LEU B 93 -26.08 -2.13 -2.55
CA LEU B 93 -24.79 -1.50 -2.82
C LEU B 93 -23.99 -1.25 -1.54
N SER B 94 -24.35 -1.92 -0.45
CA SER B 94 -23.63 -1.77 0.81
C SER B 94 -22.43 -2.70 0.85
N SER B 95 -21.32 -2.20 1.39
CA SER B 95 -20.11 -2.99 1.49
C SER B 95 -20.17 -3.91 2.69
N ASP B 96 -19.74 -5.15 2.49
CA ASP B 96 -19.68 -6.15 3.56
C ASP B 96 -18.82 -7.30 3.06
N THR B 97 -18.64 -8.31 3.90
CA THR B 97 -17.85 -9.46 3.51
C THR B 97 -18.60 -10.30 2.48
N PRO B 98 -17.89 -11.12 1.70
CA PRO B 98 -18.58 -12.01 0.75
C PRO B 98 -19.58 -12.94 1.42
N GLU B 99 -19.24 -13.48 2.60
CA GLU B 99 -20.14 -14.42 3.26
C GLU B 99 -21.39 -13.73 3.78
N LYS B 100 -21.24 -12.55 4.37
CA LYS B 100 -22.40 -11.79 4.82
C LYS B 100 -23.29 -11.41 3.63
N THR B 101 -22.68 -11.15 2.48
CA THR B 101 -23.46 -10.89 1.27
C THR B 101 -24.21 -12.14 0.82
N ARG B 102 -23.53 -13.29 0.84
CA ARG B 102 -24.18 -14.52 0.41
C ARG B 102 -25.33 -14.90 1.32
N ALA B 103 -25.18 -14.69 2.63
CA ALA B 103 -26.29 -14.91 3.55
C ALA B 103 -27.44 -13.95 3.27
N GLY B 104 -27.11 -12.69 2.92
CA GLY B 104 -28.15 -11.75 2.56
C GLY B 104 -28.90 -12.17 1.31
N ALA B 105 -28.18 -12.75 0.33
CA ALA B 105 -28.83 -13.22 -0.89
C ALA B 105 -29.74 -14.41 -0.61
N ARG B 106 -29.34 -15.29 0.30
CA ARG B 106 -30.21 -16.41 0.68
C ARG B 106 -31.44 -15.92 1.43
N TRP B 107 -31.28 -14.89 2.27
CA TRP B 107 -32.40 -14.36 3.02
C TRP B 107 -33.40 -13.65 2.11
N ILE B 108 -32.90 -12.95 1.08
CA ILE B 108 -33.80 -12.33 0.10
C ILE B 108 -34.51 -13.42 -0.71
N ALA B 109 -33.80 -14.50 -1.03
CA ALA B 109 -34.43 -15.59 -1.78
C ALA B 109 -35.49 -16.30 -0.95
N GLU B 110 -35.25 -16.44 0.36
CA GLU B 110 -36.22 -17.07 1.24
C GLU B 110 -37.56 -16.32 1.25
N HIS B 111 -37.56 -15.05 0.88
CA HIS B 111 -38.77 -14.23 0.91
C HIS B 111 -39.26 -13.85 -0.48
N GLY B 112 -38.80 -14.55 -1.51
CA GLY B 112 -39.34 -14.41 -2.85
C GLY B 112 -38.64 -13.41 -3.75
N GLY B 113 -37.62 -12.71 -3.25
CA GLY B 113 -36.90 -11.74 -4.04
C GLY B 113 -35.62 -12.31 -4.64
N THR B 114 -34.85 -11.41 -5.24
CA THR B 114 -33.54 -11.74 -5.79
C THR B 114 -32.58 -10.59 -5.49
N LEU B 115 -31.41 -10.91 -4.94
CA LEU B 115 -30.44 -9.91 -4.56
C LEU B 115 -29.33 -9.84 -5.60
N ILE B 116 -29.02 -8.62 -6.04
CA ILE B 116 -27.82 -8.32 -6.80
C ILE B 116 -26.91 -7.50 -5.88
N ALA B 117 -25.65 -7.93 -5.77
CA ALA B 117 -24.69 -7.27 -4.91
C ALA B 117 -23.78 -6.37 -5.74
N GLY B 118 -23.54 -5.17 -5.23
CA GLY B 118 -22.70 -4.20 -5.90
C GLY B 118 -21.58 -3.72 -5.02
N GLY B 119 -20.41 -3.52 -5.60
CA GLY B 119 -19.28 -2.95 -4.89
C GLY B 119 -18.78 -1.69 -5.57
N VAL B 120 -19.23 -0.54 -5.10
CA VAL B 120 -18.89 0.73 -5.74
C VAL B 120 -17.51 1.17 -5.27
N THR B 121 -16.63 1.45 -6.24
CA THR B 121 -15.23 1.77 -5.97
C THR B 121 -14.94 3.26 -6.12
N CYS B 122 -15.97 4.11 -6.03
CA CYS B 122 -15.79 5.54 -6.13
C CYS B 122 -16.50 6.23 -4.97
N PRO B 123 -15.98 7.37 -4.52
CA PRO B 123 -16.68 8.15 -3.49
C PRO B 123 -17.98 8.72 -4.03
N PRO B 124 -18.81 9.32 -3.16
CA PRO B 124 -20.07 9.90 -3.66
C PRO B 124 -19.91 10.86 -4.83
N SER B 125 -18.83 11.64 -4.84
CA SER B 125 -18.62 12.59 -5.93
C SER B 125 -18.39 11.90 -7.28
N GLY B 126 -18.06 10.61 -7.26
CA GLY B 126 -17.90 9.86 -8.49
C GLY B 126 -19.15 9.25 -9.06
N ILE B 127 -20.24 9.19 -8.27
CA ILE B 127 -21.49 8.60 -8.75
C ILE B 127 -22.02 9.43 -9.91
N GLY B 128 -22.33 8.77 -11.02
CA GLY B 128 -22.80 9.42 -12.22
C GLY B 128 -21.71 9.83 -13.19
N SER B 129 -20.48 9.98 -12.72
CA SER B 129 -19.38 10.36 -13.61
C SER B 129 -19.01 9.19 -14.51
N PRO B 130 -18.53 9.46 -15.72
CA PRO B 130 -18.36 8.37 -16.70
C PRO B 130 -17.26 7.39 -16.37
N GLU B 131 -16.21 7.80 -15.66
CA GLU B 131 -15.10 6.92 -15.37
C GLU B 131 -15.25 6.17 -14.05
N SER B 132 -16.39 6.32 -13.37
CA SER B 132 -16.63 5.58 -12.15
C SER B 132 -17.05 4.15 -12.47
N SER B 133 -16.82 3.25 -11.51
CA SER B 133 -17.04 1.83 -11.71
C SER B 133 -17.56 1.18 -10.45
N ALA B 134 -18.20 0.02 -10.62
CA ALA B 134 -18.69 -0.78 -9.52
C ALA B 134 -18.72 -2.23 -9.93
N PHE B 135 -18.23 -3.11 -9.04
CA PHE B 135 -18.33 -4.54 -9.27
C PHE B 135 -19.76 -5.00 -9.00
N TYR B 136 -20.19 -6.02 -9.73
CA TYR B 136 -21.54 -6.56 -9.57
C TYR B 136 -21.49 -8.07 -9.62
N SER B 137 -22.35 -8.70 -8.83
CA SER B 137 -22.45 -10.15 -8.80
C SER B 137 -23.86 -10.52 -8.35
N GLY B 138 -24.28 -11.74 -8.73
CA GLY B 138 -25.62 -12.19 -8.50
C GLY B 138 -26.20 -12.81 -9.76
N PRO B 139 -27.46 -13.26 -9.68
CA PRO B 139 -28.10 -13.90 -10.85
C PRO B 139 -28.04 -12.99 -12.07
N SER B 140 -27.46 -13.52 -13.16
CA SER B 140 -27.14 -12.70 -14.32
C SER B 140 -28.39 -12.12 -14.97
N ALA B 141 -29.44 -12.93 -15.11
CA ALA B 141 -30.64 -12.48 -15.81
C ALA B 141 -31.28 -11.29 -15.12
N ALA B 142 -31.45 -11.37 -13.79
CA ALA B 142 -31.99 -10.24 -13.05
C ALA B 142 -31.07 -9.02 -13.14
N PHE B 143 -29.76 -9.25 -13.23
CA PHE B 143 -28.83 -8.15 -13.36
C PHE B 143 -28.93 -7.48 -14.73
N GLU B 144 -28.96 -8.29 -15.80
CA GLU B 144 -29.01 -7.73 -17.14
C GLU B 144 -30.33 -7.02 -17.41
N ARG B 145 -31.40 -7.41 -16.72
CA ARG B 145 -32.68 -6.72 -16.89
C ARG B 145 -32.63 -5.30 -16.32
N HIS B 146 -31.81 -5.07 -15.29
CA HIS B 146 -31.69 -3.76 -14.66
C HIS B 146 -30.32 -3.14 -14.88
N ARG B 147 -29.54 -3.65 -15.83
CA ARG B 147 -28.18 -3.15 -16.02
C ARG B 147 -28.16 -1.71 -16.50
N GLU B 148 -29.10 -1.35 -17.38
CA GLU B 148 -29.12 0.00 -17.94
C GLU B 148 -29.44 1.03 -16.86
N THR B 149 -30.31 0.70 -15.92
CA THR B 149 -30.59 1.60 -14.81
C THR B 149 -29.36 1.75 -13.92
N LEU B 150 -28.70 0.64 -13.62
CA LEU B 150 -27.51 0.71 -12.77
C LEU B 150 -26.37 1.46 -13.44
N ARG B 151 -26.30 1.40 -14.78
CA ARG B 151 -25.28 2.13 -15.51
C ARG B 151 -25.43 3.64 -15.39
N THR B 152 -26.58 4.13 -14.90
CA THR B 152 -26.71 5.55 -14.58
C THR B 152 -25.78 5.94 -13.44
N LEU B 153 -25.55 5.04 -12.49
CA LEU B 153 -24.72 5.35 -11.34
C LEU B 153 -23.24 5.24 -11.67
N THR B 154 -22.80 4.07 -12.13
CA THR B 154 -21.40 3.84 -12.47
C THR B 154 -21.34 2.96 -13.71
N ARG B 155 -20.12 2.69 -14.17
CA ARG B 155 -19.92 1.54 -15.04
C ARG B 155 -20.23 0.26 -14.28
N THR B 156 -20.84 -0.70 -14.97
CA THR B 156 -21.16 -1.99 -14.38
C THR B 156 -20.07 -2.98 -14.75
N ASP B 157 -19.53 -3.66 -13.74
CA ASP B 157 -18.48 -4.67 -13.93
C ASP B 157 -19.02 -5.97 -13.36
N TYR B 158 -19.77 -6.71 -14.17
CA TYR B 158 -20.34 -7.97 -13.73
C TYR B 158 -19.24 -9.01 -13.54
N ARG B 159 -19.21 -9.65 -12.37
CA ARG B 159 -18.15 -10.59 -12.02
C ARG B 159 -18.62 -12.03 -11.90
N GLY B 160 -19.92 -12.30 -11.90
CA GLY B 160 -20.38 -13.66 -11.84
C GLY B 160 -21.67 -13.87 -11.09
N GLU B 161 -22.12 -15.13 -11.02
CA GLU B 161 -23.40 -15.44 -10.40
C GLU B 161 -23.32 -15.43 -8.87
N ASP B 162 -22.18 -15.82 -8.30
CA ASP B 162 -22.03 -15.87 -6.86
C ASP B 162 -22.20 -14.47 -6.28
N PRO B 163 -23.20 -14.24 -5.41
CA PRO B 163 -23.43 -12.87 -4.92
C PRO B 163 -22.26 -12.27 -4.18
N GLY B 164 -21.36 -13.09 -3.62
CA GLY B 164 -20.24 -12.57 -2.87
C GLY B 164 -19.07 -12.06 -3.69
N LEU B 165 -19.13 -12.22 -5.01
CA LEU B 165 -17.98 -11.86 -5.84
C LEU B 165 -17.75 -10.35 -5.86
N ALA B 166 -18.82 -9.56 -5.91
CA ALA B 166 -18.68 -8.11 -5.92
C ALA B 166 -18.01 -7.63 -4.64
N ALA B 167 -18.41 -8.19 -3.50
CA ALA B 167 -17.77 -7.82 -2.23
C ALA B 167 -16.33 -8.29 -2.19
N LEU B 168 -16.05 -9.47 -2.74
CA LEU B 168 -14.68 -9.99 -2.77
C LEU B 168 -13.76 -9.07 -3.53
N TRP B 169 -14.18 -8.62 -4.72
CA TRP B 169 -13.35 -7.72 -5.52
C TRP B 169 -13.17 -6.38 -4.83
N TYR B 170 -14.21 -5.91 -4.11
CA TYR B 170 -14.08 -4.67 -3.36
C TYR B 170 -13.05 -4.80 -2.26
N GLN B 171 -13.11 -5.90 -1.49
CA GLN B 171 -12.17 -6.09 -0.38
C GLN B 171 -10.74 -6.28 -0.88
N ILE B 172 -10.57 -6.90 -2.05
CA ILE B 172 -9.22 -7.14 -2.57
C ILE B 172 -8.51 -5.82 -2.81
N GLY B 173 -9.21 -4.82 -3.30
CA GLY B 173 -8.62 -3.51 -3.53
C GLY B 173 -8.42 -2.72 -2.25
N MET B 174 -9.35 -2.85 -1.30
CA MET B 174 -9.26 -2.08 -0.07
C MET B 174 -8.07 -2.50 0.78
N VAL B 175 -7.60 -3.75 0.62
CA VAL B 175 -6.50 -4.26 1.43
C VAL B 175 -5.28 -3.36 1.28
N MET B 176 -4.88 -3.11 0.04
CA MET B 176 -3.69 -2.31 -0.24
C MET B 176 -3.93 -0.85 0.08
N TRP B 177 -5.15 -0.35 -0.12
CA TRP B 177 -5.46 1.05 0.15
C TRP B 177 -5.23 1.39 1.61
N TRP B 178 -5.83 0.61 2.51
CA TRP B 178 -5.70 0.90 3.94
C TRP B 178 -4.28 0.65 4.43
N ASN B 179 -3.63 -0.39 3.91
CA ASN B 179 -2.23 -0.64 4.26
C ASN B 179 -1.35 0.54 3.89
N ALA B 180 -1.53 1.07 2.68
CA ALA B 180 -0.69 2.18 2.23
C ALA B 180 -1.03 3.47 2.96
N MET B 181 -2.33 3.71 3.22
CA MET B 181 -2.72 4.94 3.91
C MET B 181 -2.29 4.93 5.36
N LEU B 182 -2.40 3.78 6.04
CA LEU B 182 -1.88 3.69 7.40
C LEU B 182 -0.37 3.82 7.43
N GLY B 183 0.31 3.25 6.43
CA GLY B 183 1.74 3.47 6.31
C GLY B 183 2.09 4.94 6.11
N TYR B 184 1.21 5.69 5.43
CA TYR B 184 1.42 7.12 5.29
C TYR B 184 1.35 7.82 6.64
N LEU B 185 0.35 7.48 7.45
CA LEU B 185 0.26 8.04 8.79
C LEU B 185 1.50 7.70 9.62
N GLN B 186 1.99 6.47 9.50
CA GLN B 186 3.23 6.10 10.17
C GLN B 186 4.40 6.94 9.68
N ALA B 187 4.49 7.15 8.36
CA ALA B 187 5.56 7.97 7.81
C ALA B 187 5.46 9.41 8.29
N VAL B 188 4.23 9.93 8.39
CA VAL B 188 4.03 11.29 8.88
C VAL B 188 4.47 11.40 10.33
N ALA B 189 4.09 10.43 11.16
CA ALA B 189 4.47 10.45 12.56
C ALA B 189 5.99 10.41 12.72
N LEU B 190 6.66 9.52 11.99
CA LEU B 190 8.11 9.47 12.03
C LEU B 190 8.71 10.78 11.53
N ALA B 191 8.14 11.35 10.47
CA ALA B 191 8.65 12.61 9.94
C ALA B 191 8.49 13.73 10.96
N ASP B 192 7.34 13.79 11.63
CA ASP B 192 7.09 14.85 12.60
C ASP B 192 8.04 14.73 13.79
N ALA B 193 8.33 13.50 14.23
CA ALA B 193 9.27 13.32 15.32
C ALA B 193 10.67 13.79 14.96
N ASN B 194 10.94 14.04 13.67
CA ASN B 194 12.25 14.49 13.22
C ASN B 194 12.19 15.83 12.51
N GLY B 195 11.17 16.65 12.81
CA GLY B 195 11.10 18.00 12.31
C GLY B 195 10.55 18.16 10.90
N LEU B 196 9.92 17.12 10.35
CA LEU B 196 9.40 17.16 8.99
C LEU B 196 7.88 17.09 9.02
N LYS B 197 7.22 17.98 8.28
CA LYS B 197 5.78 17.98 8.17
C LYS B 197 5.33 17.02 7.07
N ALA B 198 4.03 16.74 7.05
CA ALA B 198 3.48 15.88 6.01
C ALA B 198 3.72 16.48 4.63
N ALA B 199 3.69 17.81 4.52
CA ALA B 199 3.95 18.46 3.25
C ALA B 199 5.38 18.22 2.77
N ASP B 200 6.32 18.07 3.71
CA ASP B 200 7.71 17.83 3.33
C ASP B 200 7.89 16.46 2.70
N ILE B 201 7.23 15.44 3.24
CA ILE B 201 7.38 14.07 2.74
C ILE B 201 6.31 13.70 1.71
N LEU B 202 5.39 14.62 1.41
CA LEU B 202 4.36 14.32 0.41
C LEU B 202 4.92 14.00 -0.97
N PRO B 203 5.91 14.73 -1.51
CA PRO B 203 6.45 14.34 -2.82
C PRO B 203 7.06 12.94 -2.83
N HIS B 204 7.84 12.58 -1.82
CA HIS B 204 8.44 11.26 -1.78
C HIS B 204 7.37 10.18 -1.57
N ALA B 205 6.39 10.45 -0.71
CA ALA B 205 5.31 9.49 -0.51
C ALA B 205 4.50 9.28 -1.77
N SER B 206 4.31 10.35 -2.56
CA SER B 206 3.60 10.22 -3.83
C SER B 206 4.43 9.43 -4.84
N ASP B 207 5.73 9.70 -4.90
CA ASP B 207 6.61 8.91 -5.76
C ASP B 207 6.57 7.44 -5.38
N THR B 208 6.64 7.15 -4.07
CA THR B 208 6.63 5.77 -3.61
C THR B 208 5.33 5.07 -4.01
N VAL B 209 4.21 5.75 -3.83
CA VAL B 209 2.91 5.14 -4.17
C VAL B 209 2.78 4.97 -5.68
N ALA B 210 3.16 6.00 -6.44
CA ALA B 210 2.99 5.95 -7.90
C ALA B 210 3.89 4.93 -8.56
N GLY B 211 5.00 4.55 -7.91
CA GLY B 211 5.86 3.50 -8.44
C GLY B 211 5.41 2.09 -8.14
N LEU B 212 4.35 1.94 -7.35
CA LEU B 212 3.87 0.61 -6.98
C LEU B 212 3.43 -0.25 -8.16
N PRO B 213 2.69 0.27 -9.16
CA PRO B 213 2.25 -0.62 -10.26
C PRO B 213 3.38 -1.36 -10.95
N PHE B 214 4.58 -0.77 -11.04
CA PHE B 214 5.72 -1.51 -11.59
C PHE B 214 5.98 -2.77 -10.79
N PHE B 215 5.95 -2.68 -9.46
CA PHE B 215 6.21 -3.84 -8.63
C PHE B 215 5.03 -4.80 -8.62
N LEU B 216 3.81 -4.27 -8.73
CA LEU B 216 2.64 -5.13 -8.87
C LEU B 216 2.75 -5.99 -10.11
N ARG B 217 3.12 -5.38 -11.25
CA ARG B 217 3.30 -6.14 -12.48
C ARG B 217 4.53 -7.05 -12.39
N PHE B 218 5.60 -6.57 -11.75
CA PHE B 218 6.83 -7.36 -11.69
C PHE B 218 6.62 -8.68 -10.99
N TYR B 219 5.92 -8.65 -9.85
CA TYR B 219 5.75 -9.84 -9.02
C TYR B 219 4.50 -10.64 -9.35
N ALA B 220 3.68 -10.16 -10.29
CA ALA B 220 2.41 -10.83 -10.58
C ALA B 220 2.64 -12.23 -11.14
N ASP B 221 3.32 -12.33 -12.28
CA ASP B 221 3.53 -13.63 -12.90
C ASP B 221 4.54 -14.46 -12.12
N ARG B 222 5.45 -13.83 -11.38
CA ARG B 222 6.38 -14.57 -10.55
C ARG B 222 5.64 -15.29 -9.43
N ILE B 223 4.68 -14.61 -8.80
CA ILE B 223 3.85 -15.26 -7.80
C ILE B 223 2.98 -16.34 -8.43
N ASP B 224 2.39 -16.03 -9.59
CA ASP B 224 1.43 -16.96 -10.20
C ASP B 224 2.10 -18.25 -10.66
N THR B 225 3.35 -18.19 -11.12
CA THR B 225 4.08 -19.36 -11.55
C THR B 225 4.93 -19.96 -10.43
N GLY B 226 4.81 -19.44 -9.21
CA GLY B 226 5.60 -19.94 -8.10
C GLY B 226 7.08 -19.65 -8.20
N HIS B 227 7.47 -18.65 -8.99
CA HIS B 227 8.87 -18.28 -9.14
C HIS B 227 9.21 -17.22 -8.09
N HIS B 228 9.79 -17.66 -6.98
CA HIS B 228 10.17 -16.76 -5.88
C HIS B 228 11.69 -16.65 -5.78
N GLY B 229 12.37 -16.62 -6.92
CA GLY B 229 13.82 -16.49 -6.90
C GLY B 229 14.26 -15.17 -6.35
N GLY B 230 15.48 -15.16 -5.79
CA GLY B 230 16.02 -13.97 -5.17
C GLY B 230 16.85 -13.11 -6.09
N ASP B 231 16.51 -13.10 -7.39
CA ASP B 231 17.30 -12.36 -8.36
C ASP B 231 17.14 -10.86 -8.18
N ALA B 232 15.96 -10.40 -7.76
CA ALA B 232 15.72 -8.99 -7.51
C ALA B 232 15.79 -8.61 -6.03
N ASP B 233 15.53 -9.56 -5.13
CA ASP B 233 15.53 -9.28 -3.71
C ASP B 233 15.60 -10.59 -2.94
N ARG B 234 16.32 -10.57 -1.82
CA ARG B 234 16.30 -11.67 -0.87
C ARG B 234 15.42 -11.31 0.31
N LEU B 235 14.62 -12.29 0.78
CA LEU B 235 13.76 -12.05 1.93
C LEU B 235 14.57 -11.59 3.13
N ALA B 236 15.73 -12.22 3.36
CA ALA B 236 16.57 -11.85 4.49
C ALA B 236 17.01 -10.39 4.42
N MET B 237 17.27 -9.88 3.22
CA MET B 237 17.53 -8.45 3.06
C MET B 237 16.30 -7.63 3.44
N GLY B 238 15.10 -8.13 3.08
CA GLY B 238 13.90 -7.42 3.45
C GLY B 238 13.63 -7.44 4.95
N THR B 239 14.00 -8.55 5.61
CA THR B 239 13.88 -8.63 7.06
C THR B 239 14.71 -7.54 7.73
N ALA B 240 15.96 -7.37 7.28
CA ALA B 240 16.79 -6.29 7.80
C ALA B 240 16.14 -4.94 7.52
N SER B 241 15.56 -4.77 6.32
CA SER B 241 14.98 -3.48 5.95
C SER B 241 13.82 -3.11 6.86
N VAL B 242 12.93 -4.06 7.14
CA VAL B 242 11.79 -3.75 7.99
C VAL B 242 12.20 -3.67 9.46
N GLU B 243 13.27 -4.36 9.85
CA GLU B 243 13.83 -4.15 11.18
C GLU B 243 14.40 -2.74 11.31
N HIS B 244 15.00 -2.22 10.22
CA HIS B 244 15.48 -0.85 10.23
C HIS B 244 14.34 0.13 10.43
N ILE B 245 13.21 -0.10 9.78
CA ILE B 245 12.03 0.73 10.00
C ILE B 245 11.59 0.64 11.44
N LEU B 246 11.47 -0.59 11.96
CA LEU B 246 11.00 -0.79 13.33
C LEU B 246 11.87 -0.04 14.34
N HIS B 247 13.19 -0.18 14.22
CA HIS B 247 14.08 0.46 15.18
C HIS B 247 14.25 1.94 14.92
N THR B 248 14.06 2.39 13.68
CA THR B 248 13.96 3.82 13.42
C THR B 248 12.75 4.43 14.13
N MET B 249 11.62 3.72 14.10
CA MET B 249 10.44 4.18 14.83
C MET B 249 10.71 4.23 16.33
N ALA B 250 11.32 3.16 16.87
CA ALA B 250 11.64 3.13 18.29
C ALA B 250 12.63 4.23 18.65
N ASP B 251 13.70 4.38 17.85
CA ASP B 251 14.70 5.41 18.13
C ASP B 251 14.08 6.80 18.13
N SER B 252 13.04 7.01 17.35
CA SER B 252 12.37 8.30 17.26
C SER B 252 11.20 8.43 18.23
N GLY B 253 10.97 7.43 19.07
CA GLY B 253 9.94 7.55 20.08
C GLY B 253 8.52 7.54 19.55
N VAL B 254 8.28 6.87 18.43
CA VAL B 254 6.94 6.77 17.86
C VAL B 254 6.51 5.30 17.90
N ASP B 255 5.25 5.07 17.58
CA ASP B 255 4.63 3.76 17.78
C ASP B 255 5.26 2.71 16.87
N THR B 256 5.32 1.47 17.38
CA THR B 256 5.93 0.35 16.68
C THR B 256 4.97 -0.80 16.44
N ALA B 257 3.67 -0.62 16.72
CA ALA B 257 2.72 -1.74 16.64
C ALA B 257 2.69 -2.34 15.25
N LEU B 258 2.42 -1.54 14.23
CA LEU B 258 2.45 -2.04 12.86
C LEU B 258 3.85 -2.48 12.43
N PRO B 259 4.92 -1.72 12.70
CA PRO B 259 6.27 -2.23 12.35
C PRO B 259 6.61 -3.55 13.01
N GLU B 260 6.15 -3.80 14.24
CA GLU B 260 6.37 -5.12 14.83
C GLU B 260 5.61 -6.19 14.07
N ALA B 261 4.39 -5.90 13.64
CA ALA B 261 3.61 -6.87 12.88
C ALA B 261 4.25 -7.16 11.53
N VAL B 262 4.85 -6.15 10.91
CA VAL B 262 5.54 -6.36 9.64
C VAL B 262 6.78 -7.21 9.85
N VAL B 263 7.56 -6.93 10.90
CA VAL B 263 8.77 -7.70 11.17
C VAL B 263 8.42 -9.15 11.48
N ALA B 264 7.31 -9.37 12.18
CA ALA B 264 6.92 -10.73 12.55
C ALA B 264 6.61 -11.58 11.33
N LEU B 265 6.01 -10.97 10.30
CA LEU B 265 5.69 -11.71 9.09
C LEU B 265 6.96 -12.10 8.33
N PHE B 266 7.91 -11.16 8.21
CA PHE B 266 9.18 -11.48 7.58
C PHE B 266 9.90 -12.60 8.33
N ARG B 267 9.85 -12.57 9.66
CA ARG B 267 10.49 -13.62 10.46
C ARG B 267 9.77 -14.95 10.31
N ARG B 268 8.46 -14.93 10.06
CA ARG B 268 7.76 -16.15 9.70
C ARG B 268 8.25 -16.68 8.36
N GLY B 269 8.56 -15.77 7.43
CA GLY B 269 9.12 -16.20 6.16
C GLY B 269 10.47 -16.87 6.30
N GLU B 270 11.35 -16.26 7.10
CA GLU B 270 12.63 -16.90 7.40
C GLU B 270 12.43 -18.22 8.14
N ALA B 271 11.51 -18.23 9.11
CA ALA B 271 11.30 -19.44 9.91
C ALA B 271 10.78 -20.60 9.06
N ALA B 272 10.08 -20.30 7.95
CA ALA B 272 9.52 -21.34 7.10
C ALA B 272 10.46 -21.76 5.98
N GLY B 273 11.69 -21.25 5.94
CA GLY B 273 12.67 -21.67 4.97
C GLY B 273 12.79 -20.80 3.73
N TYR B 274 12.32 -19.56 3.77
CA TYR B 274 12.28 -18.70 2.59
C TYR B 274 13.31 -17.57 2.65
N ALA B 275 14.32 -17.66 3.53
CA ALA B 275 15.22 -16.54 3.75
C ALA B 275 15.96 -16.14 2.48
N GLU B 276 16.29 -17.10 1.61
CA GLU B 276 17.01 -16.84 0.38
C GLU B 276 16.09 -16.61 -0.81
N ASN B 277 14.78 -16.74 -0.63
CA ASN B 277 13.83 -16.47 -1.69
C ASN B 277 13.42 -14.99 -1.67
N SER B 278 12.70 -14.59 -2.72
CA SER B 278 12.14 -13.25 -2.75
C SER B 278 11.16 -13.06 -1.61
N PHE B 279 10.95 -11.79 -1.21
CA PHE B 279 9.96 -11.50 -0.19
C PHE B 279 8.57 -11.93 -0.63
N SER B 280 8.34 -11.97 -1.95
CA SER B 280 7.03 -12.38 -2.48
C SER B 280 6.66 -13.80 -2.06
N SER B 281 7.64 -14.63 -1.69
CA SER B 281 7.36 -15.98 -1.26
C SER B 281 6.54 -16.04 0.02
N MET B 282 6.41 -14.93 0.75
CA MET B 282 5.58 -14.91 1.94
C MET B 282 4.10 -15.08 1.62
N VAL B 283 3.73 -14.95 0.34
CA VAL B 283 2.35 -15.25 -0.06
C VAL B 283 2.03 -16.71 0.19
N GLU B 284 3.05 -17.58 0.16
CA GLU B 284 2.83 -18.99 0.48
C GLU B 284 2.43 -19.18 1.93
N LEU B 285 2.88 -18.27 2.81
CA LEU B 285 2.48 -18.32 4.21
C LEU B 285 1.12 -17.71 4.45
N LEU B 286 0.70 -16.81 3.57
CA LEU B 286 -0.60 -16.10 3.75
C LEU B 286 -1.73 -16.92 3.12
N LYS B 287 -1.42 -17.79 2.18
CA LYS B 287 -2.45 -18.54 1.42
C LYS B 287 -3.25 -19.51 2.28
N LYS B 288 -4.49 -19.74 1.88
CA LYS B 288 -5.33 -20.77 2.54
C LYS B 288 -4.64 -22.13 2.43
N PRO B 289 -4.63 -22.93 3.50
CA PRO B 289 -4.02 -24.26 3.49
C PRO B 289 -4.54 -25.31 2.50
N SER B 290 -3.64 -26.09 1.90
CA SER B 290 -4.01 -27.24 1.03
C SER B 290 -4.99 -26.81 -0.06
#